data_5EPY
#
_entry.id   5EPY
#
_cell.length_a   54.994
_cell.length_b   58.440
_cell.length_c   60.089
_cell.angle_alpha   90.000
_cell.angle_beta   90.000
_cell.angle_gamma   90.000
#
_symmetry.space_group_name_H-M   'P 21 21 21'
#
loop_
_entity.id
_entity.type
_entity.pdbx_description
1 polymer 'NS3 protease'
2 non-polymer 'ZINC ION'
3 non-polymer 'SULFATE ION'
4 non-polymer '2-Methyl-2-propanyl {(2R,6S,12Z,13aS,14aR,16aS)-14a-[(cyclopropylsulfonyl)carbamoyl]-2-[(3-ethyl-7-methoxy-2-quinoxalinyl)oxy]-5,16-dioxo-1,2,3,5,6,7,8,9,10,11,13a,14,14a,15,16,16a-hexadecahydrocyclop ropa[e]pyrrolo[1,2-a][1,4]diazacyclopentadecin-6-yl}carbamate'
5 water water
#
_entity_poly.entity_id   1
_entity_poly.type   'polypeptide(L)'
_entity_poly.pdbx_seq_one_letter_code
;HMASMKKKGSVVIVGRINLSGDTAYAQQTRGEEGCQETSQTGRDKNQVEGEVQIVSTATQTFLATSINGVLWTVYHGAGT
RTIASPKGPVTQMYTNVDKDLVGWQAPQGSRSLTPCTCGSSDLYLVTRHADVIPVRRRGDSRGSLLSPRPISYLKGSAGG
PLLCPAGHAVGIFRTAVSTRGVAKAVDFIPVESLETTM
;
_entity_poly.pdbx_strand_id   A
#
loop_
_chem_comp.id
_chem_comp.type
_chem_comp.name
_chem_comp.formula
5R2 non-polymer '2-Methyl-2-propanyl {(2R,6S,12Z,13aS,14aR,16aS)-14a-[(cyclopropylsulfonyl)carbamoyl]-2-[(3-ethyl-7-methoxy-2-quinoxalinyl)oxy]-5,16-dioxo-1,2,3,5,6,7,8,9,10,11,13a,14,14a,15,16,16a-hexadecahydrocyclop ropa[e]pyrrolo[1,2-a][1,4]diazacyclopentadecin-6-yl}carbamate' 'C37 H50 N6 O9 S'
SO4 non-polymer 'SULFATE ION' 'O4 S -2'
ZN non-polymer 'ZINC ION' 'Zn 2'
#
# COMPACT_ATOMS: atom_id res chain seq x y z
N HIS A 1 3.09 21.54 -28.84
CA HIS A 1 3.35 22.13 -27.54
C HIS A 1 2.27 21.65 -26.62
N MET A 2 1.42 22.59 -26.30
CA MET A 2 0.26 22.37 -25.44
C MET A 2 -0.65 21.22 -25.86
N ALA A 3 -1.09 21.21 -27.11
CA ALA A 3 -2.05 20.22 -27.56
C ALA A 3 -1.47 18.80 -27.58
N SER A 4 -0.14 18.69 -27.52
CA SER A 4 0.53 17.39 -27.55
C SER A 4 0.89 16.92 -26.13
N MET A 5 0.42 17.64 -25.11
CA MET A 5 0.81 17.33 -23.73
C MET A 5 0.08 16.08 -23.24
N LYS A 6 0.87 15.10 -22.81
CA LYS A 6 0.34 13.81 -22.38
C LYS A 6 -0.27 13.89 -20.96
N LYS A 7 -1.18 12.98 -20.62
CA LYS A 7 -1.68 12.88 -19.26
C LYS A 7 -1.07 11.63 -18.64
N LYS A 8 -0.83 11.67 -17.33
CA LYS A 8 -0.36 10.49 -16.63
C LYS A 8 -1.54 9.60 -16.36
N GLY A 9 -1.29 8.30 -16.36
CA GLY A 9 -2.36 7.33 -16.15
C GLY A 9 -2.75 7.22 -14.67
N SER A 10 -3.85 6.52 -14.44
CA SER A 10 -4.30 6.19 -13.10
C SER A 10 -3.46 5.04 -12.51
N VAL A 11 -3.36 5.03 -11.18
CA VAL A 11 -2.95 3.84 -10.47
C VAL A 11 -3.98 2.75 -10.70
N VAL A 12 -3.52 1.53 -10.95
CA VAL A 12 -4.39 0.41 -11.23
C VAL A 12 -4.14 -0.71 -10.25
N ILE A 13 -5.21 -1.21 -9.65
CA ILE A 13 -5.16 -2.43 -8.83
C ILE A 13 -4.93 -3.64 -9.71
N VAL A 14 -3.85 -4.38 -9.47
CA VAL A 14 -3.49 -5.51 -10.33
C VAL A 14 -3.50 -6.84 -9.58
N GLY A 15 -3.80 -6.79 -8.29
CA GLY A 15 -3.95 -7.99 -7.50
C GLY A 15 -4.16 -7.68 -6.03
N ARG A 16 -3.90 -8.66 -5.17
CA ARG A 16 -4.14 -8.46 -3.75
C ARG A 16 -3.39 -9.46 -2.92
N ILE A 17 -3.23 -9.12 -1.64
CA ILE A 17 -2.65 -10.06 -0.71
C ILE A 17 -3.77 -10.64 0.09
N ASN A 18 -3.92 -11.96 -0.03
CA ASN A 18 -4.98 -12.67 0.66
C ASN A 18 -4.55 -13.01 2.08
N LEU A 19 -5.28 -12.46 3.05
CA LEU A 19 -5.03 -12.71 4.47
C LEU A 19 -6.25 -13.35 5.15
N SER A 20 -7.16 -13.89 4.36
CA SER A 20 -8.45 -14.31 4.89
C SER A 20 -8.40 -15.67 5.62
N GLY A 21 -7.56 -16.59 5.15
CA GLY A 21 -7.54 -17.93 5.71
C GLY A 21 -6.43 -18.14 6.72
N ASP A 22 -5.83 -19.32 6.66
CA ASP A 22 -4.67 -19.69 7.46
C ASP A 22 -3.38 -19.38 6.71
N THR A 23 -3.49 -19.07 5.42
CA THR A 23 -2.31 -18.87 4.59
C THR A 23 -2.36 -17.55 3.83
N ALA A 24 -1.36 -16.71 4.05
CA ALA A 24 -1.23 -15.47 3.31
C ALA A 24 -0.60 -15.78 1.95
N TYR A 25 -1.20 -15.27 0.89
CA TYR A 25 -0.63 -15.44 -0.45
C TYR A 25 -1.06 -14.35 -1.42
N ALA A 26 -0.19 -14.03 -2.38
CA ALA A 26 -0.52 -13.05 -3.40
C ALA A 26 -1.46 -13.62 -4.48
N GLN A 27 -2.32 -12.79 -5.01
CA GLN A 27 -3.13 -13.11 -6.10
C GLN A 27 -3.06 -12.02 -7.15
N GLN A 28 -2.79 -12.38 -8.37
CA GLN A 28 -2.93 -11.42 -9.43
C GLN A 28 -4.36 -11.45 -10.01
N THR A 29 -4.91 -10.27 -10.25
CA THR A 29 -6.26 -10.13 -10.80
C THR A 29 -6.23 -9.44 -12.17
N ARG A 30 -5.10 -8.83 -12.54
CA ARG A 30 -5.00 -8.24 -13.88
C ARG A 30 -3.59 -8.33 -14.44
N GLY A 31 -3.48 -8.69 -15.72
CA GLY A 31 -2.20 -8.76 -16.39
C GLY A 31 -1.73 -7.41 -16.92
N GLU A 32 -0.50 -7.38 -17.45
CA GLU A 32 0.14 -6.13 -17.89
C GLU A 32 -0.65 -5.42 -18.99
N GLU A 33 -1.10 -6.16 -20.00
CA GLU A 33 -1.91 -5.54 -21.05
C GLU A 33 -3.09 -4.82 -20.42
N GLY A 34 -3.93 -5.54 -19.68
CA GLY A 34 -5.10 -4.95 -19.06
C GLY A 34 -4.76 -3.76 -18.16
N CYS A 35 -3.60 -3.82 -17.51
CA CYS A 35 -3.16 -2.77 -16.61
C CYS A 35 -2.86 -1.48 -17.39
N GLN A 36 -2.03 -1.59 -18.43
CA GLN A 36 -1.76 -0.48 -19.35
C GLN A 36 -3.05 0.20 -19.79
N GLU A 37 -3.98 -0.57 -20.33
CA GLU A 37 -5.24 -0.05 -20.85
C GLU A 37 -6.11 0.58 -19.74
N THR A 38 -6.14 -0.05 -18.58
CA THR A 38 -6.91 0.45 -17.45
C THR A 38 -6.30 1.75 -16.93
N SER A 39 -4.96 1.81 -16.92
CA SER A 39 -4.25 3.02 -16.50
C SER A 39 -4.60 4.22 -17.38
N GLN A 40 -4.67 3.99 -18.69
CA GLN A 40 -4.96 5.07 -19.64
C GLN A 40 -6.40 5.54 -19.52
N THR A 41 -7.34 4.61 -19.45
CA THR A 41 -8.77 4.97 -19.38
C THR A 41 -9.20 5.40 -17.98
N GLY A 42 -8.62 4.76 -16.96
CA GLY A 42 -9.10 4.96 -15.60
C GLY A 42 -10.37 4.17 -15.30
N ARG A 43 -10.77 3.30 -16.21
CA ARG A 43 -11.97 2.48 -16.02
C ARG A 43 -11.60 1.04 -15.67
N ASP A 44 -11.93 0.62 -14.47
CA ASP A 44 -11.59 -0.71 -13.97
C ASP A 44 -12.86 -1.37 -13.41
N LYS A 45 -13.33 -2.39 -14.12
CA LYS A 45 -14.59 -3.05 -13.79
C LYS A 45 -14.32 -4.32 -12.96
N ASN A 46 -13.07 -4.62 -12.66
CA ASN A 46 -12.75 -5.84 -11.94
C ASN A 46 -13.27 -5.79 -10.51
N GLN A 47 -13.65 -6.93 -9.96
CA GLN A 47 -14.13 -7.00 -8.58
C GLN A 47 -12.94 -6.81 -7.64
N VAL A 48 -13.16 -6.06 -6.55
CA VAL A 48 -12.09 -5.82 -5.60
C VAL A 48 -12.44 -6.56 -4.33
N GLU A 49 -11.45 -7.17 -3.69
CA GLU A 49 -11.68 -7.82 -2.40
C GLU A 49 -10.49 -7.58 -1.46
N GLY A 50 -10.74 -7.66 -0.15
CA GLY A 50 -9.67 -7.70 0.83
C GLY A 50 -9.11 -6.34 1.21
N GLU A 51 -8.12 -6.34 2.10
CA GLU A 51 -7.55 -5.14 2.72
C GLU A 51 -6.29 -4.61 2.01
N VAL A 52 -5.48 -5.53 1.47
CA VAL A 52 -4.21 -5.16 0.87
C VAL A 52 -4.22 -5.42 -0.63
N GLN A 53 -4.20 -4.33 -1.40
CA GLN A 53 -4.16 -4.37 -2.85
C GLN A 53 -2.73 -4.22 -3.34
N ILE A 54 -2.43 -4.93 -4.42
CA ILE A 54 -1.22 -4.68 -5.15
C ILE A 54 -1.60 -3.73 -6.26
N VAL A 55 -0.86 -2.65 -6.37
CA VAL A 55 -1.21 -1.63 -7.36
C VAL A 55 -0.03 -1.33 -8.25
N SER A 56 -0.33 -0.77 -9.39
CA SER A 56 0.64 -0.42 -10.39
C SER A 56 0.42 0.78 -11.23
N THR A 57 1.49 1.40 -11.63
CA THR A 57 1.42 2.43 -12.64
C THR A 57 2.17 1.85 -13.80
N ALA A 58 2.41 2.64 -14.83
CA ALA A 58 3.14 2.14 -16.00
C ALA A 58 4.57 1.77 -15.66
N THR A 59 5.10 2.38 -14.59
CA THR A 59 6.52 2.30 -14.30
C THR A 59 6.84 1.59 -12.99
N GLN A 60 5.95 1.73 -12.01
CA GLN A 60 6.20 1.12 -10.72
C GLN A 60 5.08 0.17 -10.28
N THR A 61 5.41 -0.69 -9.33
CA THR A 61 4.40 -1.53 -8.72
C THR A 61 4.67 -1.57 -7.19
N PHE A 62 3.61 -1.41 -6.40
CA PHE A 62 3.70 -1.31 -4.94
C PHE A 62 2.37 -1.77 -4.30
N LEU A 63 2.16 -1.45 -3.02
CA LEU A 63 0.93 -1.89 -2.35
C LEU A 63 0.07 -0.71 -1.89
N ALA A 64 -1.18 -1.00 -1.60
CA ALA A 64 -2.09 -0.01 -1.04
C ALA A 64 -3.02 -0.71 -0.03
N THR A 65 -3.30 -0.05 1.08
CA THR A 65 -3.97 -0.69 2.21
C THR A 65 -5.21 0.11 2.61
N SER A 66 -6.33 -0.57 2.81
CA SER A 66 -7.57 0.06 3.25
C SER A 66 -7.66 0.10 4.75
N ILE A 67 -7.87 1.30 5.29
CA ILE A 67 -8.05 1.51 6.71
C ILE A 67 -9.13 2.59 6.85
N ASN A 68 -10.17 2.30 7.61
CA ASN A 68 -11.35 3.18 7.76
C ASN A 68 -11.91 3.82 6.49
N GLY A 69 -12.26 3.01 5.50
CA GLY A 69 -12.84 3.46 4.25
C GLY A 69 -11.93 4.27 3.32
N VAL A 70 -10.63 4.28 3.59
CA VAL A 70 -9.66 4.96 2.71
C VAL A 70 -8.62 3.94 2.21
N LEU A 71 -8.33 3.93 0.91
CA LEU A 71 -7.22 3.14 0.40
C LEU A 71 -5.94 3.99 0.40
N TRP A 72 -5.02 3.66 1.30
CA TRP A 72 -3.80 4.43 1.51
C TRP A 72 -2.59 3.82 0.78
N THR A 73 -1.71 4.69 0.27
CA THR A 73 -0.45 4.23 -0.30
C THR A 73 0.60 5.33 -0.18
N VAL A 74 1.77 5.07 -0.74
CA VAL A 74 2.86 6.04 -0.66
C VAL A 74 2.88 7.02 -1.84
N TYR A 75 3.16 8.29 -1.54
CA TYR A 75 3.28 9.34 -2.56
C TYR A 75 4.40 9.02 -3.57
N HIS A 76 5.50 8.45 -3.08
CA HIS A 76 6.62 8.18 -3.99
C HIS A 76 6.27 7.06 -4.95
N GLY A 77 5.14 6.39 -4.74
CA GLY A 77 4.63 5.43 -5.70
C GLY A 77 3.56 6.07 -6.57
N ALA A 78 2.61 6.75 -5.94
CA ALA A 78 1.40 7.17 -6.62
C ALA A 78 1.47 8.60 -7.18
N GLY A 79 2.39 9.40 -6.65
CA GLY A 79 2.35 10.82 -6.92
C GLY A 79 0.93 11.31 -6.67
N THR A 80 0.41 12.20 -7.51
CA THR A 80 -0.93 12.75 -7.30
C THR A 80 -1.96 12.05 -8.21
N ARG A 81 -1.61 10.87 -8.73
CA ARG A 81 -2.46 10.20 -9.71
C ARG A 81 -3.82 9.83 -9.16
N THR A 82 -4.78 9.76 -10.07
CA THR A 82 -6.08 9.19 -9.79
C THR A 82 -5.96 7.67 -9.70
N ILE A 83 -6.98 7.01 -9.16
CA ILE A 83 -7.01 5.55 -9.19
C ILE A 83 -8.14 5.08 -10.13
N ALA A 84 -7.91 4.01 -10.88
CA ALA A 84 -8.93 3.54 -11.82
C ALA A 84 -10.11 2.99 -10.99
N SER A 85 -11.34 3.19 -11.45
CA SER A 85 -12.51 2.64 -10.77
C SER A 85 -13.56 2.31 -11.83
N PRO A 86 -14.66 1.63 -11.45
CA PRO A 86 -15.69 1.21 -12.40
C PRO A 86 -16.35 2.38 -13.16
N LYS A 87 -16.36 3.58 -12.59
CA LYS A 87 -16.98 4.73 -13.24
C LYS A 87 -15.97 5.78 -13.70
N GLY A 88 -14.71 5.40 -13.72
CA GLY A 88 -13.67 6.28 -14.22
C GLY A 88 -12.70 6.63 -13.13
N PRO A 89 -11.76 7.52 -13.44
CA PRO A 89 -10.67 7.91 -12.54
C PRO A 89 -11.19 8.57 -11.27
N VAL A 90 -10.62 8.22 -10.13
CA VAL A 90 -11.08 8.77 -8.87
C VAL A 90 -9.92 9.58 -8.31
N THR A 91 -10.24 10.83 -7.95
CA THR A 91 -9.25 11.76 -7.45
C THR A 91 -8.85 11.47 -6.00
N GLN A 92 -7.58 11.65 -5.69
CA GLN A 92 -7.11 11.50 -4.34
C GLN A 92 -7.91 12.38 -3.40
N MET A 93 -8.21 11.78 -2.26
CA MET A 93 -9.01 12.42 -1.23
C MET A 93 -8.05 12.97 -0.18
N TYR A 94 -6.85 12.36 -0.12
CA TYR A 94 -5.75 12.82 0.74
C TYR A 94 -4.44 12.80 -0.05
N THR A 95 -3.66 13.85 0.14
CA THR A 95 -2.33 13.96 -0.43
C THR A 95 -1.45 14.70 0.56
N ASN A 96 -0.37 14.04 1.00
CA ASN A 96 0.60 14.66 1.92
C ASN A 96 2.02 14.17 1.65
N VAL A 97 2.77 14.97 0.90
CA VAL A 97 4.08 14.62 0.38
C VAL A 97 5.08 14.59 1.53
N ASP A 98 4.78 15.35 2.59
CA ASP A 98 5.63 15.41 3.79
C ASP A 98 5.59 14.08 4.60
N LYS A 99 4.48 13.39 4.55
CA LYS A 99 4.38 12.11 5.20
C LYS A 99 4.55 10.97 4.16
N ASP A 100 4.85 11.31 2.93
CA ASP A 100 4.94 10.34 1.84
C ASP A 100 3.65 9.53 1.72
N LEU A 101 2.50 10.22 1.80
CA LEU A 101 1.24 9.52 1.96
C LEU A 101 0.16 10.04 1.02
N VAL A 102 -0.57 9.14 0.36
CA VAL A 102 -1.78 9.54 -0.32
C VAL A 102 -2.90 8.57 0.05
N GLY A 103 -4.14 8.94 -0.26
CA GLY A 103 -5.26 8.02 -0.12
C GLY A 103 -6.43 8.38 -1.04
N TRP A 104 -7.19 7.37 -1.48
CA TRP A 104 -8.42 7.55 -2.22
C TRP A 104 -9.55 6.87 -1.43
N GLN A 105 -10.80 7.19 -1.75
CA GLN A 105 -11.91 6.48 -1.13
C GLN A 105 -11.74 4.99 -1.40
N ALA A 106 -12.07 4.13 -0.42
CA ALA A 106 -11.81 2.70 -0.58
C ALA A 106 -12.75 2.15 -1.62
N PRO A 107 -12.22 1.35 -2.58
CA PRO A 107 -13.02 0.76 -3.64
C PRO A 107 -14.07 -0.15 -3.07
N GLN A 108 -15.23 -0.10 -3.70
CA GLN A 108 -16.31 -1.02 -3.40
C GLN A 108 -15.82 -2.47 -3.49
N GLY A 109 -16.07 -3.24 -2.44
CA GLY A 109 -15.68 -4.63 -2.42
C GLY A 109 -14.50 -4.81 -1.49
N SER A 110 -13.73 -3.74 -1.29
CA SER A 110 -12.60 -3.84 -0.41
C SER A 110 -13.12 -3.99 1.03
N ARG A 111 -12.26 -4.53 1.89
CA ARG A 111 -12.50 -4.58 3.33
C ARG A 111 -11.43 -3.70 3.99
N SER A 112 -11.79 -2.95 4.99
CA SER A 112 -10.87 -2.11 5.66
C SER A 112 -10.25 -2.67 6.96
N LEU A 113 -9.06 -2.26 7.28
CA LEU A 113 -8.45 -2.65 8.54
C LEU A 113 -8.83 -1.63 9.60
N THR A 114 -8.95 -2.10 10.84
CA THR A 114 -9.27 -1.24 11.98
C THR A 114 -7.97 -0.73 12.58
N PRO A 115 -7.87 0.56 12.83
CA PRO A 115 -6.66 1.12 13.45
C PRO A 115 -6.41 0.60 14.88
N CYS A 116 -5.18 0.21 15.15
CA CYS A 116 -4.79 -0.40 16.42
C CYS A 116 -4.91 0.53 17.62
N THR A 117 -5.43 0.02 18.72
CA THR A 117 -5.51 0.78 19.97
C THR A 117 -4.88 -0.03 21.10
N CYS A 118 -4.16 -1.09 20.71
CA CYS A 118 -3.62 -2.05 21.67
C CYS A 118 -2.42 -1.50 22.43
N GLY A 119 -1.65 -0.60 21.81
CA GLY A 119 -0.43 -0.11 22.43
C GLY A 119 0.75 -1.09 22.34
N SER A 120 0.62 -2.12 21.50
CA SER A 120 1.60 -3.21 21.42
C SER A 120 2.74 -2.90 20.42
N SER A 121 3.91 -3.44 20.71
CA SER A 121 5.10 -3.20 19.91
C SER A 121 5.59 -4.46 19.21
N ASP A 122 4.80 -5.54 19.27
CA ASP A 122 5.10 -6.72 18.45
C ASP A 122 4.27 -6.67 17.16
N LEU A 123 4.92 -6.30 16.06
CA LEU A 123 4.23 -5.98 14.81
C LEU A 123 4.56 -7.00 13.74
N TYR A 124 3.82 -6.91 12.63
CA TYR A 124 4.00 -7.83 11.50
C TYR A 124 3.84 -7.03 10.21
N LEU A 125 4.87 -7.06 9.37
CA LEU A 125 4.86 -6.36 8.11
C LEU A 125 4.39 -7.31 7.02
N VAL A 126 3.43 -6.90 6.21
CA VAL A 126 2.99 -7.74 5.11
C VAL A 126 3.55 -7.23 3.79
N THR A 127 4.29 -8.07 3.07
CA THR A 127 4.93 -7.68 1.83
C THR A 127 4.12 -8.12 0.60
N ARG A 128 4.53 -7.63 -0.56
CA ARG A 128 3.85 -7.90 -1.83
C ARG A 128 3.97 -9.36 -2.24
N HIS A 129 4.88 -10.09 -1.61
CA HIS A 129 5.01 -11.53 -1.87
C HIS A 129 4.27 -12.32 -0.82
N ALA A 130 3.51 -11.62 0.03
CA ALA A 130 2.71 -12.27 1.07
C ALA A 130 3.57 -12.91 2.15
N ASP A 131 4.77 -12.37 2.38
CA ASP A 131 5.54 -12.75 3.56
C ASP A 131 5.00 -11.96 4.74
N VAL A 132 4.86 -12.61 5.90
CA VAL A 132 4.49 -11.93 7.13
C VAL A 132 5.70 -11.88 8.04
N ILE A 133 6.30 -10.71 8.11
CA ILE A 133 7.62 -10.53 8.71
C ILE A 133 7.47 -9.93 10.11
N PRO A 134 8.00 -10.61 11.12
CA PRO A 134 7.97 -10.04 12.47
C PRO A 134 8.87 -8.81 12.59
N VAL A 135 8.30 -7.74 13.14
CA VAL A 135 8.96 -6.45 13.30
C VAL A 135 8.66 -5.95 14.72
N ARG A 136 9.70 -5.59 15.45
CA ARG A 136 9.56 -5.01 16.78
C ARG A 136 9.49 -3.47 16.69
N ARG A 137 8.44 -2.86 17.25
CA ARG A 137 8.32 -1.42 17.17
C ARG A 137 9.44 -0.77 18.00
N ARG A 138 10.14 0.21 17.43
CA ARG A 138 11.29 0.84 18.09
C ARG A 138 11.09 2.34 18.38
N GLY A 139 10.02 2.91 17.82
CA GLY A 139 9.72 4.31 18.02
C GLY A 139 8.35 4.59 17.43
N ASP A 140 7.98 5.86 17.35
CA ASP A 140 6.70 6.23 16.76
C ASP A 140 6.53 5.74 15.32
N SER A 141 7.61 5.74 14.56
CA SER A 141 7.53 5.46 13.12
C SER A 141 8.57 4.48 12.66
N ARG A 142 9.23 3.79 13.59
CA ARG A 142 10.36 2.94 13.27
C ARG A 142 10.14 1.54 13.85
N GLY A 143 10.61 0.52 13.14
CA GLY A 143 10.59 -0.85 13.65
C GLY A 143 11.79 -1.65 13.17
N SER A 144 12.18 -2.68 13.92
CA SER A 144 13.35 -3.48 13.57
C SER A 144 12.87 -4.83 13.05
N LEU A 145 13.48 -5.32 11.97
CA LEU A 145 13.21 -6.67 11.51
C LEU A 145 13.90 -7.62 12.47
N LEU A 146 13.20 -8.68 12.86
CA LEU A 146 13.75 -9.68 13.77
C LEU A 146 14.76 -10.51 13.02
N SER A 147 14.51 -10.70 11.72
CA SER A 147 15.49 -11.30 10.81
C SER A 147 15.73 -10.31 9.68
N PRO A 148 16.90 -9.68 9.66
CA PRO A 148 17.22 -8.73 8.59
C PRO A 148 17.19 -9.38 7.19
N ARG A 149 16.86 -8.62 6.16
CA ARG A 149 16.80 -9.13 4.78
C ARG A 149 17.42 -8.10 3.84
N PRO A 150 17.93 -8.56 2.68
CA PRO A 150 18.39 -7.64 1.63
C PRO A 150 17.21 -6.80 1.17
N ILE A 151 17.45 -5.54 0.81
CA ILE A 151 16.35 -4.62 0.49
C ILE A 151 15.49 -5.11 -0.68
N SER A 152 16.12 -5.93 -1.55
CA SER A 152 15.45 -6.51 -2.71
C SER A 152 14.11 -7.14 -2.34
N TYR A 153 14.16 -7.77 -1.17
CA TYR A 153 13.07 -8.48 -0.56
C TYR A 153 11.90 -7.56 -0.13
N LEU A 154 12.20 -6.34 0.23
CA LEU A 154 11.18 -5.38 0.68
C LEU A 154 10.72 -4.45 -0.45
N LYS A 155 11.51 -4.38 -1.53
CA LYS A 155 11.23 -3.49 -2.63
C LYS A 155 9.88 -3.82 -3.26
N GLY A 156 9.07 -2.78 -3.47
CA GLY A 156 7.74 -2.96 -4.01
C GLY A 156 6.69 -3.22 -2.95
N SER A 157 7.05 -3.08 -1.67
CA SER A 157 6.09 -3.35 -0.59
C SER A 157 5.64 -2.09 0.14
N ALA A 158 6.21 -0.93 -0.22
CA ALA A 158 5.72 0.34 0.30
C ALA A 158 4.22 0.44 0.02
N GLY A 159 3.47 0.93 1.01
CA GLY A 159 2.02 0.96 0.92
C GLY A 159 1.37 -0.18 1.67
N GLY A 160 2.17 -1.18 2.01
CA GLY A 160 1.68 -2.33 2.74
C GLY A 160 1.52 -2.00 4.21
N PRO A 161 0.78 -2.83 4.95
CA PRO A 161 0.52 -2.64 6.39
C PRO A 161 1.59 -3.22 7.33
N LEU A 162 1.78 -2.54 8.45
CA LEU A 162 2.27 -3.19 9.67
C LEU A 162 1.04 -3.45 10.53
N LEU A 163 0.90 -4.69 10.98
CA LEU A 163 -0.26 -5.08 11.80
C LEU A 163 0.17 -5.44 13.21
N CYS A 164 -0.72 -5.30 14.17
CA CYS A 164 -0.44 -5.79 15.53
C CYS A 164 -0.82 -7.28 15.59
N PRO A 165 -0.63 -7.92 16.76
CA PRO A 165 -1.00 -9.34 16.90
C PRO A 165 -2.47 -9.60 16.63
N ALA A 166 -3.33 -8.62 16.88
CA ALA A 166 -4.78 -8.80 16.72
C ALA A 166 -5.23 -8.49 15.29
N GLY A 167 -4.29 -8.14 14.43
CA GLY A 167 -4.66 -7.88 13.05
C GLY A 167 -5.14 -6.47 12.81
N HIS A 168 -4.96 -5.59 13.79
CA HIS A 168 -5.33 -4.21 13.63
C HIS A 168 -4.15 -3.49 12.86
N ALA A 169 -4.43 -2.45 12.10
CA ALA A 169 -3.39 -1.68 11.39
C ALA A 169 -2.61 -0.75 12.32
N VAL A 170 -1.30 -0.83 12.28
CA VAL A 170 -0.45 0.02 13.12
C VAL A 170 0.23 1.09 12.25
N GLY A 171 0.44 0.81 10.98
CA GLY A 171 1.14 1.75 10.15
C GLY A 171 1.23 1.34 8.69
N ILE A 172 1.63 2.27 7.84
CA ILE A 172 1.84 2.01 6.42
C ILE A 172 3.33 2.03 6.10
N PHE A 173 3.81 0.96 5.47
CA PHE A 173 5.24 0.82 5.15
C PHE A 173 5.72 1.93 4.18
N ARG A 174 6.78 2.62 4.56
CA ARG A 174 7.25 3.79 3.82
C ARG A 174 8.70 3.60 3.35
N THR A 175 9.60 3.30 4.25
CA THR A 175 10.98 3.19 3.93
C THR A 175 11.77 2.06 4.56
N ALA A 176 12.78 1.57 3.86
CA ALA A 176 13.67 0.54 4.35
C ALA A 176 14.97 1.19 4.81
N VAL A 177 15.37 0.92 6.05
CA VAL A 177 16.59 1.46 6.60
C VAL A 177 17.67 0.46 6.28
N SER A 178 18.56 0.80 5.36
CA SER A 178 19.51 -0.19 4.89
C SER A 178 20.96 0.21 5.17
N THR A 179 21.79 -0.80 5.39
CA THR A 179 23.24 -0.63 5.45
C THR A 179 23.87 -1.73 4.60
N ARG A 180 24.69 -1.35 3.62
CA ARG A 180 25.34 -2.34 2.77
C ARG A 180 24.30 -3.27 2.14
N GLY A 181 23.15 -2.71 1.78
CA GLY A 181 22.13 -3.46 1.07
C GLY A 181 21.21 -4.28 1.96
N VAL A 182 21.47 -4.28 3.27
CA VAL A 182 20.67 -5.11 4.18
C VAL A 182 19.71 -4.25 5.05
N ALA A 183 18.43 -4.59 4.97
CA ALA A 183 17.43 -3.91 5.77
C ALA A 183 17.44 -4.50 7.18
N LYS A 184 17.74 -3.67 8.17
CA LYS A 184 17.69 -4.12 9.56
C LYS A 184 16.47 -3.48 10.25
N ALA A 185 15.88 -2.49 9.58
CA ALA A 185 14.77 -1.72 10.15
C ALA A 185 13.89 -1.13 9.04
N VAL A 186 12.66 -0.79 9.39
CA VAL A 186 11.75 -0.12 8.49
C VAL A 186 11.15 1.12 9.15
N ASP A 187 10.68 2.03 8.35
CA ASP A 187 10.01 3.22 8.81
C ASP A 187 8.56 3.19 8.24
N PHE A 188 7.58 3.66 8.97
CA PHE A 188 6.21 3.59 8.50
C PHE A 188 5.44 4.81 8.93
N ILE A 189 4.35 5.07 8.23
CA ILE A 189 3.43 6.11 8.63
C ILE A 189 2.50 5.54 9.71
N PRO A 190 2.63 6.04 10.95
CA PRO A 190 1.81 5.53 12.05
C PRO A 190 0.33 5.68 11.74
N VAL A 191 -0.50 4.73 12.14
CA VAL A 191 -1.94 4.85 11.89
C VAL A 191 -2.54 6.15 12.45
N GLU A 192 -1.98 6.63 13.57
CA GLU A 192 -2.50 7.84 14.21
C GLU A 192 -2.32 9.05 13.29
N SER A 193 -1.24 9.03 12.52
CA SER A 193 -0.99 10.10 11.60
C SER A 193 -1.96 10.04 10.38
N LEU A 194 -2.44 8.86 10.03
CA LEU A 194 -3.53 8.74 9.07
C LEU A 194 -4.83 9.34 9.67
N GLU A 195 -5.09 8.95 10.93
CA GLU A 195 -6.32 9.34 11.63
C GLU A 195 -6.41 10.85 11.82
N THR A 196 -5.27 11.50 11.99
CA THR A 196 -5.23 12.95 12.01
C THR A 196 -5.44 13.53 10.62
N THR A 197 -4.64 13.10 9.65
CA THR A 197 -4.78 13.58 8.26
C THR A 197 -6.26 13.51 7.82
N MET A 198 -7.01 12.56 8.38
CA MET A 198 -8.37 12.29 8.02
C MET A 198 -9.40 13.39 8.36
ZN ZN B . -3.99 -3.71 17.99
S SO4 C . 6.52 14.11 -7.89
O1 SO4 C . 6.91 14.60 -9.24
O2 SO4 C . 7.72 13.92 -7.07
O3 SO4 C . 5.67 15.08 -7.21
O4 SO4 C . 5.81 12.82 -8.00
C10 5R2 D . 13.43 5.77 -0.61
C13 5R2 D . 15.16 4.16 1.12
C15 5R2 D . 15.67 2.65 -0.87
C17 5R2 D . 14.80 0.41 -1.52
C20 5R2 D . 12.20 0.06 0.23
C21 5R2 D . 10.85 -0.32 0.63
C22 5R2 D . 10.03 0.62 1.42
C01 5R2 D . 11.95 9.03 3.07
C02 5R2 D . 10.66 8.57 2.52
C03 5R2 D . 10.45 9.06 1.14
C04 5R2 D . 11.08 8.58 -0.02
O05 5R2 D . 12.02 7.58 0.12
C06 5R2 D . 12.20 6.71 -0.99
C07 5R2 D . 11.23 5.91 -1.28
C08 5R2 D . 11.48 4.67 -0.38
N09 5R2 D . 12.94 4.78 0.05
C11 5R2 D . 13.67 3.93 0.93
O12 5R2 D . 13.14 3.04 1.46
C14 5R2 D . 15.96 3.00 0.58
C16 5R2 D . 16.03 1.22 -1.19
C18 5R2 D . 14.46 -0.51 -0.38
C19 5R2 D . 12.99 -0.82 -0.45
C23 5R2 D . 10.24 0.98 -0.05
N24 5R2 D . 10.45 2.42 0.02
C25 5R2 D . 11.35 3.19 -0.72
O26 5R2 D . 11.99 2.74 -1.56
C27 5R2 D . 9.56 0.49 -1.38
O28 5R2 D . 9.37 -0.63 -1.57
N29 5R2 D . 9.14 1.36 -2.42
S30 5R2 D . 8.46 0.87 -3.74
O31 5R2 D . 7.41 0.09 -3.48
O32 5R2 D . 9.32 0.10 -4.33
C33 5R2 D . 8.16 2.25 -4.87
C34 5R2 D . 6.99 2.02 -5.78
C35 5R2 D . 6.79 2.84 -4.59
N36 5R2 D . 15.62 4.34 2.42
C37 5R2 D . 15.80 5.63 2.92
O38 5R2 D . 15.41 6.59 2.32
O39 5R2 D . 15.95 5.66 4.30
C40 5R2 D . 16.43 6.87 4.89
C41 5R2 D . 17.55 7.55 4.09
C42 5R2 D . 16.98 6.53 6.27
C43 5R2 D . 15.29 7.82 5.03
N44 5R2 D . 10.81 9.15 -1.19
C45 5R2 D . 9.87 10.16 -1.18
C46 5R2 D . 9.50 10.81 -2.35
C47 5R2 D . 8.53 11.83 -2.31
O48 5R2 D . 8.09 12.52 -3.40
C49 5R2 D . 8.53 12.10 -4.66
C50 5R2 D . 7.95 12.23 -1.11
C51 5R2 D . 8.30 11.59 0.05
C52 5R2 D . 9.28 10.57 -0.02
N53 5R2 D . 9.59 10.04 1.11
H101 5R2 D . 14.07 6.27 -0.06
H102 5R2 D . 13.87 5.47 -1.42
H131 5R2 D . 15.40 4.95 0.60
H151 5R2 D . 16.19 3.23 -1.45
H152 5R2 D . 14.71 2.80 -1.05
H171 5R2 D . 14.95 -0.09 -2.31
H172 5R2 D . 14.04 1.02 -1.67
H201 5R2 D . 12.59 0.88 0.58
H211 5R2 D . 10.85 -1.30 0.54
H221 5R2 D . 9.14 0.31 1.66
H222 5R2 D . 10.54 1.14 2.06
H011 5R2 D . 11.87 9.13 4.03
H012 5R2 D . 12.18 9.88 2.67
H013 5R2 D . 12.64 8.36 2.86
H021 5R2 D . 9.95 8.91 3.09
H022 5R2 D . 10.64 7.60 2.53
H061 5R2 D . 12.44 7.24 -1.78
H071 5R2 D . 10.38 6.32 -1.07
H072 5R2 D . 11.25 5.66 -2.23
H081 5R2 D . 10.87 4.75 0.38
H141 5R2 D . 15.77 2.21 1.11
H142 5R2 D . 16.91 3.21 0.67
H161 5R2 D . 16.61 1.20 -1.97
H162 5R2 D . 16.49 0.83 -0.43
H181 5R2 D . 14.97 -1.33 -0.48
H182 5R2 D . 14.67 -0.08 0.46
H191 5R2 D . 12.68 -1.74 -0.56
H241 5R2 D . 10.02 2.91 0.66
H291 5R2 D . 9.26 2.25 -2.31
H331 5R2 D . 9.08 2.54 -4.94
H341 5R2 D . 7.04 2.51 -6.62
H342 5R2 D . 6.61 1.13 -5.76
H351 5R2 D . 6.27 2.43 -3.88
H352 5R2 D . 6.75 3.79 -4.71
H361 5R2 D . 15.91 3.63 2.92
H411 5R2 D . 18.40 7.08 4.24
H412 5R2 D . 17.62 8.48 4.37
H413 5R2 D . 17.32 7.52 3.14
H421 5R2 D . 17.77 7.07 6.46
H422 5R2 D . 16.28 6.69 6.94
H423 5R2 D . 17.24 5.58 6.29
H431 5R2 D . 14.48 7.33 5.27
H432 5R2 D . 15.52 8.48 5.73
H433 5R2 D . 15.16 8.30 4.19
H461 5R2 D . 9.88 10.54 -3.20
H491 5R2 D . 9.42 12.46 -4.84
H492 5R2 D . 7.90 12.43 -5.34
H493 5R2 D . 8.56 11.13 -4.69
H501 5R2 D . 7.29 12.95 -1.10
H511 5R2 D . 7.93 11.86 0.91
#